data_1LOL
#
_entry.id   1LOL
#
_cell.length_a   57.570
_cell.length_b   55.482
_cell.length_c   66.129
_cell.angle_alpha   90.00
_cell.angle_beta   94.28
_cell.angle_gamma   90.00
#
_symmetry.space_group_name_H-M   'P 1 21 1'
#
loop_
_entity.id
_entity.type
_entity.pdbx_description
1 polymer "orotidine 5'-monophosphate decarboxylase"
2 non-polymer 1,3-BUTANEDIOL
3 non-polymer "XANTHOSINE-5'-MONOPHOSPHATE"
4 water water
#
_entity_poly.entity_id   1
_entity_poly.type   'polypeptide(L)'
_entity_poly.pdbx_seq_one_letter_code
;LRSRRVDVMDVMNRLILAMDLMNRDDALRVTGEVREYIDTVKIGYPLVLSEGMDIIAEFRKRFGCRIIADFKVADIPETN
EKICRATFKAGADAIIVHGFPGADSVRACLNVAEEMGREVFLLTEMSHPGAEMFIQGAADEIARMGVDLGVKNYVGPSTR
PERLSRLREIIGQDSFLISPGVGAQGGDPGETLRFADAIIVGRSIYLADNPAAAAAGIIESIKDLLIPE
;
_entity_poly.pdbx_strand_id   A,B
#
# COMPACT_ATOMS: atom_id res chain seq x y z
N VAL A 11 16.48 -17.85 -9.49
CA VAL A 11 15.72 -18.40 -8.32
C VAL A 11 15.95 -19.92 -8.23
N MET A 12 16.28 -20.42 -7.04
CA MET A 12 16.53 -21.86 -6.85
C MET A 12 15.30 -22.67 -7.27
N ASN A 13 15.51 -23.60 -8.19
CA ASN A 13 14.45 -24.46 -8.71
C ASN A 13 13.26 -23.76 -9.40
N ARG A 14 13.44 -22.48 -9.72
CA ARG A 14 12.40 -21.68 -10.39
C ARG A 14 11.09 -21.68 -9.60
N LEU A 15 11.17 -21.85 -8.29
CA LEU A 15 10.00 -21.89 -7.43
C LEU A 15 10.12 -20.90 -6.27
N ILE A 16 9.25 -19.90 -6.23
CA ILE A 16 9.27 -18.91 -5.14
C ILE A 16 8.15 -19.21 -4.14
N LEU A 17 8.48 -19.24 -2.86
CA LEU A 17 7.49 -19.50 -1.82
C LEU A 17 6.80 -18.20 -1.44
N ALA A 18 5.47 -18.19 -1.55
CA ALA A 18 4.71 -17.03 -1.17
C ALA A 18 4.33 -17.27 0.30
N MET A 19 5.02 -16.60 1.21
CA MET A 19 4.77 -16.79 2.64
C MET A 19 3.75 -15.80 3.10
N ASP A 20 2.47 -16.19 2.99
CA ASP A 20 1.40 -15.30 3.38
C ASP A 20 0.83 -15.54 4.78
N LEU A 21 1.53 -16.34 5.58
CA LEU A 21 1.12 -16.60 6.95
C LEU A 21 1.37 -15.32 7.75
N MET A 22 0.72 -15.19 8.90
CA MET A 22 0.88 -13.97 9.68
C MET A 22 1.57 -14.12 11.00
N ASN A 23 1.94 -15.33 11.35
CA ASN A 23 2.64 -15.48 12.61
C ASN A 23 4.04 -16.04 12.37
N ARG A 24 5.00 -15.46 13.08
CA ARG A 24 6.40 -15.78 12.99
C ARG A 24 6.74 -17.27 13.10
N ASP A 25 6.15 -17.95 14.08
CA ASP A 25 6.46 -19.37 14.27
C ASP A 25 6.11 -20.22 13.05
N ASP A 26 4.90 -20.11 12.53
CA ASP A 26 4.56 -20.91 11.35
C ASP A 26 5.40 -20.50 10.13
N ALA A 27 5.54 -19.19 9.93
CA ALA A 27 6.33 -18.66 8.82
C ALA A 27 7.76 -19.19 8.83
N LEU A 28 8.43 -19.10 9.97
CA LEU A 28 9.80 -19.56 10.06
C LEU A 28 9.89 -21.08 9.90
N ARG A 29 8.91 -21.79 10.47
CA ARG A 29 8.88 -23.25 10.40
C ARG A 29 8.82 -23.76 8.97
N VAL A 30 7.86 -23.26 8.20
CA VAL A 30 7.68 -23.71 6.82
C VAL A 30 8.91 -23.35 5.99
N THR A 31 9.45 -22.16 6.22
CA THR A 31 10.62 -21.70 5.48
C THR A 31 11.83 -22.60 5.66
N GLY A 32 12.13 -22.96 6.90
CA GLY A 32 13.27 -23.82 7.14
C GLY A 32 13.05 -25.21 6.60
N GLU A 33 11.80 -25.64 6.56
CA GLU A 33 11.52 -26.95 6.03
C GLU A 33 11.66 -27.06 4.52
N VAL A 34 11.48 -25.95 3.79
CA VAL A 34 11.59 -26.00 2.33
C VAL A 34 12.88 -25.38 1.77
N ARG A 35 13.78 -24.93 2.65
CA ARG A 35 15.01 -24.29 2.18
C ARG A 35 15.91 -25.17 1.31
N GLU A 36 15.83 -26.50 1.42
CA GLU A 36 16.68 -27.33 0.59
C GLU A 36 16.15 -27.37 -0.84
N TYR A 37 14.97 -26.78 -1.04
CA TYR A 37 14.31 -26.73 -2.35
C TYR A 37 14.07 -25.31 -2.87
N ILE A 38 13.89 -24.38 -1.95
CA ILE A 38 13.55 -23.00 -2.29
C ILE A 38 14.47 -22.02 -1.59
N ASP A 39 14.95 -20.98 -2.29
CA ASP A 39 15.82 -20.00 -1.67
C ASP A 39 15.26 -18.57 -1.74
N THR A 40 14.13 -18.41 -2.42
CA THR A 40 13.52 -17.09 -2.59
C THR A 40 12.10 -17.12 -1.98
N VAL A 41 11.85 -16.17 -1.10
CA VAL A 41 10.59 -16.04 -0.37
C VAL A 41 9.96 -14.65 -0.57
N LYS A 42 8.66 -14.65 -0.85
CA LYS A 42 7.91 -13.41 -1.05
C LYS A 42 7.05 -13.22 0.21
N ILE A 43 7.21 -12.08 0.89
CA ILE A 43 6.42 -11.82 2.09
C ILE A 43 5.61 -10.54 1.90
N GLY A 44 4.49 -10.44 2.61
CA GLY A 44 3.65 -9.27 2.46
C GLY A 44 3.45 -8.52 3.76
N TYR A 45 2.65 -7.47 3.69
CA TYR A 45 2.34 -6.65 4.85
C TYR A 45 1.67 -7.43 5.98
N PRO A 46 0.84 -8.44 5.65
CA PRO A 46 0.23 -9.14 6.78
C PRO A 46 1.29 -9.64 7.76
N LEU A 47 2.32 -10.31 7.25
CA LEU A 47 3.37 -10.81 8.14
C LEU A 47 4.20 -9.71 8.78
N VAL A 48 4.69 -8.75 7.99
CA VAL A 48 5.54 -7.74 8.59
C VAL A 48 4.82 -6.77 9.51
N LEU A 49 3.55 -6.49 9.25
CA LEU A 49 2.81 -5.61 10.13
C LEU A 49 2.50 -6.34 11.43
N SER A 50 2.30 -7.65 11.36
CA SER A 50 1.99 -8.44 12.55
C SER A 50 3.21 -8.78 13.40
N GLU A 51 4.37 -8.96 12.77
CA GLU A 51 5.57 -9.35 13.51
C GLU A 51 6.72 -8.36 13.51
N GLY A 52 6.64 -7.33 12.69
CA GLY A 52 7.71 -6.35 12.64
C GLY A 52 8.60 -6.54 11.42
N MET A 53 9.17 -5.46 10.90
CA MET A 53 10.04 -5.53 9.76
C MET A 53 11.33 -6.29 10.07
N ASP A 54 11.64 -6.47 11.35
CA ASP A 54 12.84 -7.19 11.76
C ASP A 54 12.80 -8.66 11.39
N ILE A 55 11.61 -9.16 11.05
CA ILE A 55 11.52 -10.56 10.68
C ILE A 55 12.26 -10.80 9.36
N ILE A 56 12.40 -9.76 8.54
CA ILE A 56 13.11 -9.91 7.26
C ILE A 56 14.56 -10.34 7.51
N ALA A 57 15.21 -9.72 8.50
CA ALA A 57 16.59 -10.06 8.85
C ALA A 57 16.65 -11.49 9.39
N GLU A 58 15.59 -11.91 10.08
CA GLU A 58 15.58 -13.27 10.58
C GLU A 58 15.59 -14.30 9.46
N PHE A 59 14.77 -14.08 8.42
CA PHE A 59 14.74 -15.02 7.29
C PHE A 59 16.10 -15.13 6.61
N ARG A 60 16.74 -13.98 6.42
CA ARG A 60 18.04 -13.95 5.73
C ARG A 60 19.20 -14.46 6.53
N LYS A 61 19.31 -14.03 7.79
CA LYS A 61 20.41 -14.47 8.62
C LYS A 61 20.26 -15.91 9.04
N ARG A 62 19.02 -16.36 9.24
CA ARG A 62 18.80 -17.73 9.68
C ARG A 62 18.69 -18.74 8.55
N PHE A 63 18.06 -18.37 7.45
CA PHE A 63 17.87 -19.31 6.37
C PHE A 63 18.60 -19.00 5.07
N GLY A 64 19.13 -17.80 4.93
CA GLY A 64 19.82 -17.47 3.71
C GLY A 64 18.85 -17.23 2.54
N CYS A 65 17.61 -16.87 2.87
CA CYS A 65 16.57 -16.62 1.89
C CYS A 65 16.73 -15.26 1.22
N ARG A 66 16.45 -15.20 -0.08
CA ARG A 66 16.41 -13.92 -0.78
C ARG A 66 14.98 -13.51 -0.42
N ILE A 67 14.74 -12.23 -0.16
CA ILE A 67 13.41 -11.79 0.22
C ILE A 67 12.81 -10.79 -0.76
N ILE A 68 11.62 -11.11 -1.28
CA ILE A 68 10.91 -10.21 -2.20
C ILE A 68 9.78 -9.61 -1.35
N ALA A 69 9.80 -8.30 -1.15
CA ALA A 69 8.73 -7.65 -0.39
C ALA A 69 7.57 -7.30 -1.31
N ASP A 70 6.46 -8.05 -1.18
CA ASP A 70 5.27 -7.82 -1.99
C ASP A 70 4.44 -6.76 -1.30
N PHE A 71 4.89 -5.52 -1.38
CA PHE A 71 4.21 -4.43 -0.73
C PHE A 71 3.33 -3.64 -1.70
N LYS A 72 3.33 -4.03 -2.98
CA LYS A 72 2.52 -3.32 -3.99
C LYS A 72 2.52 -1.81 -3.76
N VAL A 73 3.73 -1.26 -3.71
CA VAL A 73 3.94 0.17 -3.47
C VAL A 73 3.12 0.98 -4.48
N ALA A 74 2.29 1.87 -3.95
CA ALA A 74 1.38 2.65 -4.78
C ALA A 74 1.11 4.06 -4.20
N ASP A 75 2.16 4.80 -3.89
CA ASP A 75 1.97 6.12 -3.30
C ASP A 75 2.62 7.15 -4.23
N ILE A 76 2.77 8.39 -3.73
CA ILE A 76 3.40 9.45 -4.52
C ILE A 76 4.92 9.19 -4.51
N PRO A 77 5.67 9.80 -5.46
CA PRO A 77 7.12 9.61 -5.54
C PRO A 77 7.88 9.71 -4.22
N GLU A 78 7.72 10.83 -3.51
CA GLU A 78 8.42 11.03 -2.24
C GLU A 78 8.15 9.95 -1.19
N THR A 79 6.91 9.50 -1.10
CA THR A 79 6.57 8.48 -0.11
C THR A 79 7.07 7.12 -0.56
N ASN A 80 6.95 6.85 -1.85
CA ASN A 80 7.43 5.57 -2.37
C ASN A 80 8.92 5.46 -2.06
N GLU A 81 9.65 6.58 -2.22
CA GLU A 81 11.08 6.60 -1.96
C GLU A 81 11.36 6.13 -0.53
N LYS A 82 10.62 6.70 0.41
CA LYS A 82 10.77 6.35 1.82
C LYS A 82 10.42 4.94 2.13
N ILE A 83 9.36 4.43 1.50
CA ILE A 83 8.93 3.06 1.73
C ILE A 83 10.00 2.09 1.25
N CYS A 84 10.55 2.33 0.07
CA CYS A 84 11.58 1.46 -0.48
C CYS A 84 12.85 1.50 0.35
N ARG A 85 13.26 2.70 0.77
CA ARG A 85 14.47 2.79 1.57
C ARG A 85 14.33 2.04 2.90
N ALA A 86 13.18 2.15 3.55
CA ALA A 86 13.00 1.46 4.82
C ALA A 86 12.98 -0.04 4.61
N THR A 87 12.38 -0.48 3.50
CA THR A 87 12.27 -1.89 3.19
C THR A 87 13.59 -2.50 2.82
N PHE A 88 14.40 -1.80 2.03
CA PHE A 88 15.71 -2.34 1.66
C PHE A 88 16.62 -2.30 2.89
N LYS A 89 16.47 -1.25 3.69
CA LYS A 89 17.27 -1.13 4.90
C LYS A 89 16.98 -2.31 5.83
N ALA A 90 15.72 -2.75 5.88
CA ALA A 90 15.35 -3.90 6.72
C ALA A 90 15.91 -5.20 6.12
N GLY A 91 16.40 -5.15 4.89
CA GLY A 91 16.99 -6.34 4.30
C GLY A 91 16.38 -6.94 3.04
N ALA A 92 15.25 -6.40 2.57
CA ALA A 92 14.65 -6.98 1.36
C ALA A 92 15.58 -6.87 0.15
N ASP A 93 15.64 -7.93 -0.64
CA ASP A 93 16.46 -7.93 -1.84
C ASP A 93 15.71 -7.22 -2.96
N ALA A 94 14.37 -7.29 -2.91
CA ALA A 94 13.53 -6.68 -3.92
C ALA A 94 12.19 -6.26 -3.34
N ILE A 95 11.51 -5.38 -4.06
CA ILE A 95 10.20 -4.91 -3.64
C ILE A 95 9.30 -4.87 -4.88
N ILE A 96 8.03 -5.25 -4.69
CA ILE A 96 7.04 -5.23 -5.77
C ILE A 96 6.29 -3.91 -5.71
N VAL A 97 6.20 -3.26 -6.86
CA VAL A 97 5.59 -1.93 -7.02
C VAL A 97 4.51 -1.93 -8.07
N HIS A 98 3.45 -1.16 -7.79
CA HIS A 98 2.32 -1.00 -8.71
C HIS A 98 2.65 -0.02 -9.82
N GLY A 99 2.11 -0.24 -11.00
CA GLY A 99 2.39 0.70 -12.07
C GLY A 99 1.25 1.69 -12.28
N PHE A 100 0.07 1.40 -11.74
CA PHE A 100 -1.03 2.28 -12.01
C PHE A 100 -0.85 3.74 -11.56
N PRO A 101 -0.08 4.00 -10.48
CA PRO A 101 0.13 5.38 -10.05
C PRO A 101 1.04 6.18 -11.02
N GLY A 102 1.55 5.52 -12.06
CA GLY A 102 2.34 6.26 -13.03
C GLY A 102 3.84 6.07 -13.04
N ALA A 103 4.50 6.56 -14.08
CA ALA A 103 5.95 6.40 -14.23
C ALA A 103 6.82 7.01 -13.14
N ASP A 104 6.50 8.21 -12.71
CA ASP A 104 7.36 8.83 -11.70
C ASP A 104 7.35 8.07 -10.39
N SER A 105 6.19 7.54 -9.99
CA SER A 105 6.11 6.76 -8.76
C SER A 105 7.00 5.51 -8.86
N VAL A 106 7.02 4.92 -10.04
CA VAL A 106 7.85 3.75 -10.25
C VAL A 106 9.32 4.16 -10.27
N ARG A 107 9.61 5.29 -10.93
CA ARG A 107 10.97 5.80 -11.01
C ARG A 107 11.59 6.01 -9.64
N ALA A 108 10.80 6.57 -8.73
CA ALA A 108 11.29 6.83 -7.38
C ALA A 108 11.77 5.54 -6.73
N CYS A 109 11.05 4.44 -6.96
CA CYS A 109 11.42 3.15 -6.37
C CYS A 109 12.69 2.63 -7.03
N LEU A 110 12.73 2.70 -8.35
CA LEU A 110 13.90 2.25 -9.10
C LEU A 110 15.18 3.01 -8.70
N ASN A 111 15.06 4.30 -8.34
CA ASN A 111 16.25 5.05 -7.99
C ASN A 111 16.80 4.64 -6.64
N VAL A 112 15.91 4.28 -5.72
CA VAL A 112 16.35 3.83 -4.41
C VAL A 112 17.04 2.47 -4.61
N ALA A 113 16.47 1.62 -5.47
CA ALA A 113 17.08 0.32 -5.74
C ALA A 113 18.48 0.50 -6.34
N GLU A 114 18.62 1.41 -7.32
CA GLU A 114 19.92 1.66 -7.94
C GLU A 114 20.92 2.13 -6.88
N GLU A 115 20.50 3.10 -6.09
CA GLU A 115 21.37 3.62 -5.03
C GLU A 115 21.78 2.57 -4.00
N MET A 116 20.86 1.69 -3.61
CA MET A 116 21.17 0.67 -2.60
C MET A 116 21.58 -0.71 -3.12
N GLY A 117 21.68 -0.85 -4.44
CA GLY A 117 22.05 -2.12 -5.02
C GLY A 117 20.98 -3.21 -4.88
N ARG A 118 19.71 -2.84 -4.97
CA ARG A 118 18.65 -3.82 -4.84
C ARG A 118 17.82 -3.86 -6.12
N GLU A 119 16.65 -4.47 -6.05
CA GLU A 119 15.81 -4.60 -7.21
C GLU A 119 14.35 -4.22 -7.03
N VAL A 120 13.75 -3.79 -8.12
CA VAL A 120 12.35 -3.44 -8.14
C VAL A 120 11.65 -4.35 -9.15
N PHE A 121 10.50 -4.90 -8.76
CA PHE A 121 9.67 -5.74 -9.62
C PHE A 121 8.41 -4.94 -9.93
N LEU A 122 8.10 -4.78 -11.21
CA LEU A 122 6.89 -4.03 -11.58
C LEU A 122 5.71 -4.99 -11.74
N LEU A 123 4.64 -4.73 -10.99
CA LEU A 123 3.45 -5.56 -11.06
C LEU A 123 2.64 -5.06 -12.25
N THR A 124 2.53 -5.90 -13.29
CA THR A 124 1.83 -5.46 -14.49
C THR A 124 0.33 -5.66 -14.47
N GLU A 125 -0.14 -6.65 -13.72
CA GLU A 125 -1.55 -6.96 -13.70
C GLU A 125 -1.87 -7.94 -12.58
N MET A 126 -3.15 -8.02 -12.22
CA MET A 126 -3.63 -8.93 -11.18
C MET A 126 -4.89 -9.57 -11.77
N SER A 127 -5.24 -10.77 -11.34
CA SER A 127 -6.43 -11.40 -11.92
C SER A 127 -7.58 -11.71 -10.97
N HIS A 128 -7.62 -11.06 -9.82
CA HIS A 128 -8.70 -11.29 -8.88
C HIS A 128 -9.99 -10.75 -9.49
N PRO A 129 -11.16 -11.15 -8.95
CA PRO A 129 -12.47 -10.72 -9.45
C PRO A 129 -12.86 -9.26 -9.26
N GLY A 130 -12.21 -8.36 -9.97
CA GLY A 130 -12.51 -6.95 -9.86
C GLY A 130 -11.40 -6.25 -10.62
N ALA A 131 -10.38 -7.02 -10.94
CA ALA A 131 -9.23 -6.51 -11.69
C ALA A 131 -9.71 -6.11 -13.10
N GLU A 132 -10.86 -6.62 -13.53
CA GLU A 132 -11.33 -6.26 -14.86
C GLU A 132 -11.81 -4.83 -14.94
N MET A 133 -12.10 -4.20 -13.81
CA MET A 133 -12.59 -2.83 -13.84
C MET A 133 -11.59 -1.77 -14.34
N PHE A 134 -10.36 -1.78 -13.83
CA PHE A 134 -9.38 -0.79 -14.26
C PHE A 134 -8.02 -1.41 -14.56
N ILE A 135 -7.64 -2.42 -13.80
CA ILE A 135 -6.33 -3.04 -13.96
C ILE A 135 -6.09 -3.76 -15.28
N GLN A 136 -7.03 -4.59 -15.69
CA GLN A 136 -6.88 -5.34 -16.94
C GLN A 136 -6.63 -4.44 -18.14
N GLY A 137 -7.38 -3.35 -18.23
CA GLY A 137 -7.27 -2.43 -19.34
C GLY A 137 -5.97 -1.64 -19.38
N ALA A 138 -5.30 -1.52 -18.24
CA ALA A 138 -4.04 -0.79 -18.16
C ALA A 138 -2.80 -1.67 -18.29
N ALA A 139 -2.98 -2.98 -18.17
CA ALA A 139 -1.86 -3.92 -18.18
C ALA A 139 -0.79 -3.79 -19.26
N ASP A 140 -1.19 -3.81 -20.53
CA ASP A 140 -0.21 -3.71 -21.60
C ASP A 140 0.55 -2.39 -21.57
N GLU A 141 -0.15 -1.29 -21.29
CA GLU A 141 0.51 0.02 -21.23
C GLU A 141 1.49 0.09 -20.05
N ILE A 142 1.11 -0.51 -18.94
CA ILE A 142 1.95 -0.52 -17.76
C ILE A 142 3.20 -1.35 -18.07
N ALA A 143 3.03 -2.49 -18.73
CA ALA A 143 4.19 -3.31 -19.06
C ALA A 143 5.12 -2.54 -19.99
N ARG A 144 4.55 -1.85 -20.98
CA ARG A 144 5.37 -1.09 -21.91
C ARG A 144 6.06 0.04 -21.19
N MET A 145 5.36 0.65 -20.24
CA MET A 145 5.94 1.73 -19.45
C MET A 145 7.18 1.21 -18.71
N GLY A 146 7.06 0.02 -18.12
CA GLY A 146 8.19 -0.56 -17.43
C GLY A 146 9.40 -0.70 -18.36
N VAL A 147 9.16 -1.18 -19.58
CA VAL A 147 10.23 -1.35 -20.53
C VAL A 147 10.99 -0.04 -20.75
N ASP A 148 10.25 1.05 -20.91
CA ASP A 148 10.86 2.35 -21.14
C ASP A 148 11.50 3.00 -19.91
N LEU A 149 11.24 2.44 -18.74
CA LEU A 149 11.83 2.96 -17.50
C LEU A 149 13.04 2.11 -17.16
N GLY A 150 13.37 1.16 -18.04
CA GLY A 150 14.51 0.31 -17.78
C GLY A 150 14.23 -0.80 -16.76
N VAL A 151 12.95 -1.09 -16.49
CA VAL A 151 12.62 -2.17 -15.55
C VAL A 151 13.01 -3.51 -16.15
N LYS A 152 13.69 -4.34 -15.36
CA LYS A 152 14.14 -5.64 -15.83
C LYS A 152 13.43 -6.81 -15.12
N ASN A 153 12.68 -6.50 -14.06
CA ASN A 153 11.97 -7.53 -13.27
C ASN A 153 10.47 -7.24 -13.25
N TYR A 154 9.66 -8.23 -13.64
CA TYR A 154 8.22 -8.08 -13.69
C TYR A 154 7.44 -9.17 -12.96
N VAL A 155 6.24 -8.83 -12.50
CA VAL A 155 5.36 -9.81 -11.86
C VAL A 155 4.12 -9.85 -12.73
N GLY A 156 3.72 -11.06 -13.12
CA GLY A 156 2.55 -11.23 -13.94
C GLY A 156 1.39 -11.76 -13.11
N PRO A 157 0.16 -11.68 -13.64
CA PRO A 157 -0.99 -12.17 -12.88
C PRO A 157 -1.11 -13.69 -12.91
N SER A 158 -1.97 -14.21 -12.04
CA SER A 158 -2.26 -15.64 -12.01
C SER A 158 -3.19 -15.77 -13.21
N THR A 159 -2.74 -16.45 -14.24
CA THR A 159 -3.58 -16.55 -15.41
C THR A 159 -3.17 -17.73 -16.29
N ARG A 160 -3.89 -17.88 -17.40
CA ARG A 160 -3.60 -18.94 -18.36
C ARG A 160 -2.22 -18.65 -18.93
N PRO A 161 -1.40 -19.69 -19.12
CA PRO A 161 -0.06 -19.48 -19.67
C PRO A 161 -0.04 -18.70 -21.00
N GLU A 162 -1.04 -18.91 -21.86
CA GLU A 162 -1.10 -18.21 -23.15
C GLU A 162 -1.03 -16.70 -22.96
N ARG A 163 -1.64 -16.21 -21.87
CA ARG A 163 -1.65 -14.78 -21.62
C ARG A 163 -0.27 -14.24 -21.27
N LEU A 164 0.54 -15.05 -20.59
CA LEU A 164 1.89 -14.62 -20.22
C LEU A 164 2.75 -14.55 -21.47
N SER A 165 2.30 -15.20 -22.53
CA SER A 165 3.05 -15.18 -23.76
C SER A 165 3.13 -13.75 -24.28
N ARG A 166 2.00 -13.05 -24.21
CA ARG A 166 1.91 -11.66 -24.65
C ARG A 166 2.77 -10.74 -23.76
N LEU A 167 2.71 -10.96 -22.46
CA LEU A 167 3.50 -10.16 -21.55
C LEU A 167 4.98 -10.35 -21.85
N ARG A 168 5.39 -11.59 -22.10
CA ARG A 168 6.78 -11.90 -22.42
C ARG A 168 7.23 -11.23 -23.72
N GLU A 169 6.34 -11.16 -24.71
CA GLU A 169 6.67 -10.53 -25.98
C GLU A 169 6.92 -9.04 -25.75
N ILE A 170 6.19 -8.46 -24.81
CA ILE A 170 6.35 -7.05 -24.52
C ILE A 170 7.65 -6.74 -23.77
N ILE A 171 7.93 -7.49 -22.71
CA ILE A 171 9.13 -7.23 -21.92
C ILE A 171 10.43 -7.79 -22.49
N GLY A 172 10.34 -8.66 -23.48
CA GLY A 172 11.55 -9.20 -24.07
C GLY A 172 12.10 -10.44 -23.36
N GLN A 173 13.03 -11.09 -24.03
CA GLN A 173 13.63 -12.32 -23.52
C GLN A 173 14.58 -12.12 -22.35
N ASP A 174 15.22 -10.97 -22.29
CA ASP A 174 16.18 -10.72 -21.22
C ASP A 174 15.56 -10.37 -19.87
N SER A 175 14.34 -9.84 -19.89
CA SER A 175 13.70 -9.47 -18.65
C SER A 175 13.39 -10.69 -17.80
N PHE A 176 13.31 -10.49 -16.48
CA PHE A 176 13.01 -11.57 -15.55
C PHE A 176 11.52 -11.47 -15.17
N LEU A 177 10.79 -12.57 -15.32
CA LEU A 177 9.37 -12.60 -15.03
C LEU A 177 8.97 -13.69 -14.05
N ILE A 178 8.19 -13.32 -13.04
CA ILE A 178 7.68 -14.28 -12.08
C ILE A 178 6.16 -14.11 -12.05
N SER A 179 5.44 -15.18 -11.75
CA SER A 179 3.98 -15.10 -11.67
C SER A 179 3.48 -16.31 -10.90
N PRO A 180 2.28 -16.21 -10.32
CA PRO A 180 1.72 -17.33 -9.55
C PRO A 180 1.53 -18.47 -10.55
N GLY A 181 1.76 -19.70 -10.10
CA GLY A 181 1.61 -20.85 -10.98
C GLY A 181 0.29 -21.54 -10.75
N GLY A 190 3.92 -26.58 -15.17
CA GLY A 190 4.95 -26.57 -16.19
C GLY A 190 4.75 -25.56 -17.31
N GLU A 191 3.51 -25.40 -17.76
CA GLU A 191 3.21 -24.48 -18.84
C GLU A 191 3.59 -23.04 -18.51
N THR A 192 3.28 -22.60 -17.30
CA THR A 192 3.61 -21.25 -16.88
C THR A 192 5.10 -20.98 -17.07
N LEU A 193 5.92 -21.97 -16.74
CA LEU A 193 7.36 -21.83 -16.85
C LEU A 193 7.85 -21.79 -18.28
N ARG A 194 6.91 -21.85 -19.21
CA ARG A 194 7.27 -21.75 -20.62
C ARG A 194 7.48 -20.26 -20.92
N PHE A 195 6.89 -19.43 -20.07
CA PHE A 195 6.97 -17.98 -20.23
C PHE A 195 7.60 -17.23 -19.04
N ALA A 196 7.29 -17.65 -17.82
CA ALA A 196 7.82 -17.04 -16.59
C ALA A 196 9.13 -17.70 -16.19
N ASP A 197 10.06 -16.91 -15.66
CA ASP A 197 11.33 -17.47 -15.21
C ASP A 197 11.14 -18.26 -13.90
N ALA A 198 10.15 -17.87 -13.09
CA ALA A 198 9.89 -18.59 -11.85
C ALA A 198 8.41 -18.52 -11.54
N ILE A 199 7.89 -19.53 -10.84
CA ILE A 199 6.49 -19.52 -10.48
C ILE A 199 6.38 -19.33 -8.98
N ILE A 200 5.33 -18.64 -8.54
CA ILE A 200 5.11 -18.33 -7.13
C ILE A 200 4.02 -19.24 -6.57
N VAL A 201 4.31 -19.93 -5.48
CA VAL A 201 3.36 -20.87 -4.88
C VAL A 201 3.29 -20.59 -3.40
N GLY A 202 2.06 -20.52 -2.88
CA GLY A 202 1.88 -20.22 -1.49
C GLY A 202 1.21 -21.33 -0.71
N ARG A 203 -0.11 -21.23 -0.57
CA ARG A 203 -0.92 -22.18 0.20
C ARG A 203 -0.65 -23.67 0.02
N SER A 204 -0.51 -24.13 -1.24
CA SER A 204 -0.23 -25.55 -1.49
C SER A 204 0.98 -26.03 -0.68
N ILE A 205 1.91 -25.12 -0.42
CA ILE A 205 3.10 -25.45 0.35
C ILE A 205 2.98 -25.09 1.83
N TYR A 206 2.65 -23.84 2.15
CA TYR A 206 2.64 -23.47 3.56
C TYR A 206 1.48 -23.96 4.42
N LEU A 207 0.43 -24.49 3.81
CA LEU A 207 -0.68 -25.03 4.62
C LEU A 207 -0.55 -26.54 4.67
N ALA A 208 0.42 -27.08 3.94
CA ALA A 208 0.61 -28.53 3.93
C ALA A 208 1.10 -29.04 5.27
N ASP A 209 0.70 -30.24 5.63
CA ASP A 209 1.16 -30.83 6.88
C ASP A 209 2.66 -31.10 6.67
N ASN A 210 3.04 -31.43 5.43
CA ASN A 210 4.45 -31.70 5.10
C ASN A 210 4.87 -30.73 3.98
N PRO A 211 5.30 -29.52 4.37
CA PRO A 211 5.73 -28.51 3.39
C PRO A 211 6.85 -29.00 2.46
N ALA A 212 7.83 -29.71 3.03
CA ALA A 212 8.95 -30.24 2.24
C ALA A 212 8.45 -31.12 1.11
N ALA A 213 7.59 -32.08 1.43
CA ALA A 213 7.07 -32.97 0.40
C ALA A 213 6.28 -32.22 -0.67
N ALA A 214 5.54 -31.20 -0.25
CA ALA A 214 4.75 -30.41 -1.19
C ALA A 214 5.68 -29.72 -2.19
N ALA A 215 6.69 -29.04 -1.68
CA ALA A 215 7.66 -28.34 -2.52
C ALA A 215 8.38 -29.33 -3.45
N ALA A 216 8.89 -30.41 -2.86
CA ALA A 216 9.60 -31.42 -3.64
C ALA A 216 8.73 -31.97 -4.77
N GLY A 217 7.42 -32.09 -4.52
CA GLY A 217 6.53 -32.62 -5.54
C GLY A 217 6.31 -31.65 -6.69
N ILE A 218 6.22 -30.38 -6.36
CA ILE A 218 6.05 -29.34 -7.37
C ILE A 218 7.28 -29.31 -8.26
N ILE A 219 8.44 -29.35 -7.65
CA ILE A 219 9.70 -29.33 -8.38
C ILE A 219 9.87 -30.56 -9.26
N GLU A 220 9.40 -31.71 -8.79
CA GLU A 220 9.50 -32.93 -9.59
C GLU A 220 8.72 -32.77 -10.89
N SER A 221 7.66 -31.96 -10.86
CA SER A 221 6.85 -31.74 -12.05
C SER A 221 7.61 -30.90 -13.07
N ILE A 222 8.83 -31.32 -13.39
CA ILE A 222 9.66 -30.61 -14.35
C ILE A 222 10.64 -31.58 -15.02
N VAL B 11 -11.62 15.08 12.44
CA VAL B 11 -12.95 15.44 13.03
C VAL B 11 -12.86 16.62 14.00
N MET B 12 -12.11 16.49 15.09
CA MET B 12 -12.04 17.62 16.01
C MET B 12 -11.42 18.80 15.28
N ASN B 13 -12.14 19.91 15.26
CA ASN B 13 -11.69 21.13 14.61
C ASN B 13 -11.47 21.01 13.10
N ARG B 14 -12.01 19.95 12.49
CA ARG B 14 -11.89 19.73 11.04
C ARG B 14 -10.44 19.72 10.55
N LEU B 15 -9.52 19.42 11.48
CA LEU B 15 -8.11 19.41 11.18
C LEU B 15 -7.44 18.08 11.52
N ILE B 16 -6.81 17.48 10.52
CA ILE B 16 -6.13 16.20 10.71
C ILE B 16 -4.62 16.42 10.53
N LEU B 17 -3.85 15.99 11.51
CA LEU B 17 -2.39 16.12 11.42
C LEU B 17 -1.81 14.98 10.58
N ALA B 18 -1.03 15.32 9.55
CA ALA B 18 -0.38 14.27 8.76
C ALA B 18 0.99 14.12 9.41
N MET B 19 1.12 13.15 10.31
CA MET B 19 2.38 12.94 11.01
C MET B 19 3.32 12.17 10.11
N ASP B 20 4.05 12.88 9.26
CA ASP B 20 4.96 12.26 8.30
C ASP B 20 6.44 12.21 8.70
N LEU B 21 6.75 12.53 9.95
CA LEU B 21 8.14 12.48 10.43
C LEU B 21 8.48 11.01 10.61
N MET B 22 9.75 10.65 10.44
CA MET B 22 10.10 9.26 10.56
C MET B 22 10.80 8.84 11.85
N ASN B 23 11.28 9.79 12.63
CA ASN B 23 11.92 9.45 13.89
C ASN B 23 10.88 9.53 15.00
N ARG B 24 10.74 8.43 15.71
CA ARG B 24 9.78 8.29 16.80
C ARG B 24 9.69 9.45 17.80
N ASP B 25 10.83 9.98 18.25
CA ASP B 25 10.83 11.08 19.22
C ASP B 25 10.12 12.34 18.75
N ASP B 26 10.47 12.81 17.57
CA ASP B 26 9.84 14.01 17.03
C ASP B 26 8.35 13.78 16.75
N ALA B 27 8.02 12.60 16.25
CA ALA B 27 6.64 12.25 15.95
C ALA B 27 5.78 12.30 17.21
N LEU B 28 6.26 11.68 18.27
CA LEU B 28 5.55 11.65 19.53
C LEU B 28 5.48 13.07 20.13
N ARG B 29 6.60 13.78 20.07
CA ARG B 29 6.67 15.13 20.61
C ARG B 29 5.65 16.04 19.96
N VAL B 30 5.75 16.21 18.64
CA VAL B 30 4.82 17.07 17.91
C VAL B 30 3.33 16.71 18.13
N THR B 31 3.01 15.43 18.08
CA THR B 31 1.62 15.02 18.26
C THR B 31 1.07 15.40 19.64
N GLY B 32 1.84 15.13 20.69
CA GLY B 32 1.39 15.48 22.03
C GLY B 32 1.21 16.97 22.18
N GLU B 33 2.09 17.74 21.56
CA GLU B 33 2.05 19.20 21.59
C GLU B 33 0.80 19.80 21.00
N VAL B 34 0.20 19.12 20.02
CA VAL B 34 -0.99 19.66 19.39
C VAL B 34 -2.26 18.96 19.82
N ARG B 35 -2.14 17.96 20.68
CA ARG B 35 -3.31 17.21 21.12
C ARG B 35 -4.50 18.04 21.58
N GLU B 36 -4.24 19.25 22.07
CA GLU B 36 -5.31 20.15 22.53
C GLU B 36 -6.24 20.55 21.38
N TYR B 37 -5.66 20.69 20.20
CA TYR B 37 -6.42 21.14 19.05
C TYR B 37 -6.72 20.09 17.99
N ILE B 38 -5.92 19.02 17.98
CA ILE B 38 -6.09 17.97 16.99
C ILE B 38 -6.19 16.62 17.69
N ASP B 39 -7.21 15.83 17.34
CA ASP B 39 -7.34 14.51 17.94
C ASP B 39 -7.20 13.40 16.87
N THR B 40 -7.14 13.81 15.61
CA THR B 40 -7.04 12.83 14.53
C THR B 40 -5.70 12.97 13.83
N VAL B 41 -4.99 11.86 13.72
CA VAL B 41 -3.68 11.88 13.10
C VAL B 41 -3.57 10.85 11.99
N LYS B 42 -2.97 11.24 10.87
CA LYS B 42 -2.77 10.31 9.76
C LYS B 42 -1.32 9.85 9.77
N ILE B 43 -1.13 8.53 9.73
CA ILE B 43 0.19 7.92 9.74
C ILE B 43 0.36 6.97 8.55
N GLY B 44 1.51 7.11 7.88
CA GLY B 44 1.79 6.28 6.71
C GLY B 44 2.78 5.15 6.97
N TYR B 45 3.13 4.43 5.92
CA TYR B 45 4.06 3.31 6.04
C TYR B 45 5.50 3.63 6.47
N PRO B 46 6.09 4.71 5.95
CA PRO B 46 7.47 5.00 6.37
C PRO B 46 7.69 4.98 7.89
N LEU B 47 6.82 5.65 8.63
CA LEU B 47 6.96 5.68 10.08
C LEU B 47 6.72 4.30 10.67
N VAL B 48 5.63 3.66 10.23
CA VAL B 48 5.26 2.35 10.70
C VAL B 48 6.30 1.27 10.41
N LEU B 49 6.88 1.30 9.21
CA LEU B 49 7.88 0.31 8.85
C LEU B 49 9.22 0.54 9.57
N SER B 50 9.53 1.78 9.90
CA SER B 50 10.77 2.10 10.60
C SER B 50 10.65 1.89 12.11
N GLU B 51 9.50 2.26 12.66
CA GLU B 51 9.28 2.15 14.11
C GLU B 51 8.39 1.00 14.58
N GLY B 52 7.73 0.32 13.66
CA GLY B 52 6.86 -0.79 14.05
C GLY B 52 5.41 -0.37 14.17
N MET B 53 4.50 -1.31 14.01
CA MET B 53 3.08 -1.01 14.12
C MET B 53 2.69 -0.58 15.52
N ASP B 54 3.49 -0.95 16.52
CA ASP B 54 3.20 -0.58 17.90
C ASP B 54 3.11 0.96 18.05
N ILE B 55 3.70 1.69 17.11
CA ILE B 55 3.65 3.15 17.18
C ILE B 55 2.19 3.63 17.09
N ILE B 56 1.37 2.92 16.32
CA ILE B 56 -0.05 3.26 16.20
C ILE B 56 -0.69 3.08 17.57
N ALA B 57 -0.42 1.94 18.18
CA ALA B 57 -0.98 1.64 19.48
C ALA B 57 -0.54 2.70 20.49
N GLU B 58 0.72 3.11 20.41
CA GLU B 58 1.25 4.14 21.31
C GLU B 58 0.51 5.48 21.19
N PHE B 59 0.27 5.93 19.96
CA PHE B 59 -0.44 7.20 19.78
C PHE B 59 -1.83 7.12 20.39
N ARG B 60 -2.56 6.05 20.09
CA ARG B 60 -3.91 5.88 20.59
C ARG B 60 -3.93 5.73 22.10
N LYS B 61 -3.14 4.79 22.60
CA LYS B 61 -3.09 4.56 24.04
C LYS B 61 -2.64 5.80 24.80
N ARG B 62 -1.49 6.34 24.43
CA ARG B 62 -0.92 7.49 25.10
C ARG B 62 -1.67 8.81 24.94
N PHE B 63 -2.12 9.14 23.73
CA PHE B 63 -2.80 10.41 23.53
C PHE B 63 -4.30 10.37 23.34
N GLY B 64 -4.85 9.18 23.15
CA GLY B 64 -6.27 9.08 22.94
C GLY B 64 -6.66 9.66 21.58
N CYS B 65 -5.74 9.72 20.64
CA CYS B 65 -6.13 10.24 19.33
C CYS B 65 -6.67 9.15 18.42
N ARG B 66 -7.34 9.58 17.36
CA ARG B 66 -7.89 8.69 16.37
C ARG B 66 -6.83 8.60 15.28
N ILE B 67 -6.56 7.40 14.82
CA ILE B 67 -5.51 7.20 13.84
C ILE B 67 -6.05 6.69 12.51
N ILE B 68 -5.62 7.36 11.45
CA ILE B 68 -5.97 6.98 10.08
C ILE B 68 -4.70 6.40 9.46
N ALA B 69 -4.70 5.11 9.17
CA ALA B 69 -3.56 4.45 8.55
C ALA B 69 -3.58 4.69 7.05
N ASP B 70 -2.71 5.56 6.56
CA ASP B 70 -2.65 5.87 5.14
C ASP B 70 -1.80 4.80 4.48
N PHE B 71 -2.36 3.61 4.34
CA PHE B 71 -1.61 2.51 3.76
C PHE B 71 -1.90 2.30 2.28
N LYS B 72 -2.87 3.05 1.75
CA LYS B 72 -3.25 2.91 0.33
C LYS B 72 -3.30 1.44 -0.11
N VAL B 73 -4.07 0.65 0.63
CA VAL B 73 -4.19 -0.78 0.38
C VAL B 73 -4.54 -1.07 -1.06
N ALA B 74 -3.72 -1.91 -1.72
CA ALA B 74 -3.95 -2.21 -3.15
C ALA B 74 -3.64 -3.63 -3.57
N ASP B 75 -4.15 -4.61 -2.82
CA ASP B 75 -3.91 -6.00 -3.13
C ASP B 75 -5.20 -6.72 -3.51
N ILE B 76 -5.11 -8.04 -3.66
CA ILE B 76 -6.27 -8.85 -3.98
C ILE B 76 -7.13 -8.89 -2.70
N PRO B 77 -8.40 -9.23 -2.85
CA PRO B 77 -9.33 -9.30 -1.70
C PRO B 77 -8.86 -10.00 -0.41
N GLU B 78 -8.39 -11.23 -0.52
CA GLU B 78 -7.97 -11.95 0.69
C GLU B 78 -6.80 -11.29 1.42
N THR B 79 -5.86 -10.75 0.67
CA THR B 79 -4.73 -10.08 1.31
C THR B 79 -5.16 -8.74 1.90
N ASN B 80 -6.02 -8.00 1.21
CA ASN B 80 -6.54 -6.73 1.73
C ASN B 80 -7.20 -6.97 3.06
N GLU B 81 -7.93 -8.08 3.17
CA GLU B 81 -8.62 -8.41 4.41
C GLU B 81 -7.62 -8.55 5.57
N LYS B 82 -6.53 -9.25 5.29
CA LYS B 82 -5.49 -9.48 6.30
C LYS B 82 -4.75 -8.21 6.66
N ILE B 83 -4.50 -7.35 5.67
CA ILE B 83 -3.83 -6.09 5.96
C ILE B 83 -4.70 -5.25 6.89
N CYS B 84 -5.98 -5.18 6.58
CA CYS B 84 -6.92 -4.41 7.39
C CYS B 84 -7.06 -4.96 8.80
N ARG B 85 -7.12 -6.28 8.93
CA ARG B 85 -7.22 -6.90 10.24
C ARG B 85 -6.01 -6.57 11.11
N ALA B 86 -4.81 -6.76 10.56
CA ALA B 86 -3.59 -6.47 11.30
C ALA B 86 -3.56 -4.98 11.68
N THR B 87 -3.99 -4.14 10.74
CA THR B 87 -3.99 -2.70 10.97
C THR B 87 -5.01 -2.27 12.04
N PHE B 88 -6.22 -2.81 11.98
CA PHE B 88 -7.22 -2.45 13.00
C PHE B 88 -6.85 -3.05 14.35
N LYS B 89 -6.28 -4.25 14.33
CA LYS B 89 -5.84 -4.89 15.56
C LYS B 89 -4.78 -4.03 16.28
N ALA B 90 -3.89 -3.42 15.50
CA ALA B 90 -2.83 -2.57 16.05
C ALA B 90 -3.36 -1.27 16.66
N GLY B 91 -4.64 -0.95 16.42
CA GLY B 91 -5.21 0.25 16.99
C GLY B 91 -5.77 1.32 16.06
N ALA B 92 -5.56 1.18 14.75
CA ALA B 92 -6.07 2.18 13.82
C ALA B 92 -7.60 2.24 13.79
N ASP B 93 -8.13 3.44 13.71
CA ASP B 93 -9.58 3.65 13.65
C ASP B 93 -10.08 3.57 12.22
N ALA B 94 -9.19 3.89 11.28
CA ALA B 94 -9.55 3.86 9.86
C ALA B 94 -8.33 3.54 8.99
N ILE B 95 -8.61 3.10 7.76
CA ILE B 95 -7.52 2.78 6.86
C ILE B 95 -7.87 3.35 5.46
N ILE B 96 -6.87 3.85 4.75
CA ILE B 96 -7.07 4.40 3.43
C ILE B 96 -6.80 3.29 2.41
N VAL B 97 -7.74 3.13 1.47
CA VAL B 97 -7.67 2.05 0.48
C VAL B 97 -7.73 2.57 -0.96
N HIS B 98 -6.96 1.96 -1.87
CA HIS B 98 -7.02 2.33 -3.28
C HIS B 98 -8.29 1.70 -3.91
N GLY B 99 -8.84 2.35 -4.93
CA GLY B 99 -10.00 1.81 -5.60
C GLY B 99 -9.62 1.21 -6.94
N PHE B 100 -8.44 1.54 -7.46
CA PHE B 100 -8.03 1.04 -8.78
C PHE B 100 -8.09 -0.49 -8.87
N PRO B 101 -7.73 -1.21 -7.79
CA PRO B 101 -7.79 -2.68 -7.84
C PRO B 101 -9.19 -3.30 -8.01
N GLY B 102 -10.24 -2.49 -7.93
CA GLY B 102 -11.59 -3.02 -8.13
C GLY B 102 -12.53 -3.11 -6.93
N ALA B 103 -13.80 -3.34 -7.21
CA ALA B 103 -14.85 -3.42 -6.18
C ALA B 103 -14.60 -4.51 -5.14
N ASP B 104 -14.22 -5.70 -5.61
CA ASP B 104 -13.94 -6.85 -4.73
C ASP B 104 -12.89 -6.52 -3.64
N SER B 105 -11.79 -5.89 -4.05
CA SER B 105 -10.72 -5.52 -3.14
C SER B 105 -11.18 -4.49 -2.11
N VAL B 106 -12.02 -3.55 -2.54
CA VAL B 106 -12.53 -2.53 -1.62
C VAL B 106 -13.52 -3.18 -0.66
N ARG B 107 -14.39 -4.03 -1.17
CA ARG B 107 -15.40 -4.72 -0.37
C ARG B 107 -14.77 -5.55 0.76
N ALA B 108 -13.63 -6.17 0.46
CA ALA B 108 -12.95 -6.98 1.46
C ALA B 108 -12.58 -6.12 2.66
N CYS B 109 -12.14 -4.89 2.40
CA CYS B 109 -11.76 -3.93 3.43
C CYS B 109 -12.99 -3.50 4.20
N LEU B 110 -14.08 -3.25 3.48
CA LEU B 110 -15.32 -2.84 4.15
C LEU B 110 -15.84 -3.95 5.07
N ASN B 111 -15.67 -5.20 4.66
CA ASN B 111 -16.13 -6.33 5.47
C ASN B 111 -15.39 -6.44 6.80
N VAL B 112 -14.07 -6.25 6.78
CA VAL B 112 -13.31 -6.29 8.02
C VAL B 112 -13.67 -5.10 8.91
N ALA B 113 -13.78 -3.92 8.30
CA ALA B 113 -14.10 -2.70 9.03
C ALA B 113 -15.44 -2.86 9.73
N GLU B 114 -16.38 -3.48 9.02
CA GLU B 114 -17.71 -3.72 9.55
C GLU B 114 -17.61 -4.63 10.78
N GLU B 115 -16.93 -5.76 10.62
CA GLU B 115 -16.79 -6.73 11.69
C GLU B 115 -16.12 -6.17 12.93
N MET B 116 -15.11 -5.34 12.74
CA MET B 116 -14.34 -4.77 13.83
C MET B 116 -14.80 -3.40 14.33
N GLY B 117 -15.78 -2.82 13.65
CA GLY B 117 -16.28 -1.50 14.03
C GLY B 117 -15.34 -0.36 13.68
N ARG B 118 -14.69 -0.43 12.52
CA ARG B 118 -13.76 0.62 12.11
C ARG B 118 -14.25 1.27 10.82
N GLU B 119 -13.37 2.05 10.19
CA GLU B 119 -13.74 2.78 8.99
C GLU B 119 -12.77 2.63 7.84
N VAL B 120 -13.31 2.70 6.62
CA VAL B 120 -12.51 2.65 5.41
C VAL B 120 -12.65 3.99 4.67
N PHE B 121 -11.53 4.54 4.22
CA PHE B 121 -11.54 5.76 3.42
C PHE B 121 -11.12 5.33 2.02
N LEU B 122 -11.90 5.66 1.01
CA LEU B 122 -11.54 5.29 -0.35
C LEU B 122 -10.77 6.43 -1.03
N LEU B 123 -9.58 6.11 -1.54
CA LEU B 123 -8.75 7.08 -2.24
C LEU B 123 -9.20 7.04 -3.70
N THR B 124 -9.80 8.11 -4.20
CA THR B 124 -10.32 8.11 -5.57
C THR B 124 -9.41 8.63 -6.67
N GLU B 125 -8.40 9.40 -6.30
CA GLU B 125 -7.48 9.94 -7.29
C GLU B 125 -6.27 10.54 -6.63
N MET B 126 -5.20 10.72 -7.40
CA MET B 126 -3.99 11.32 -6.86
C MET B 126 -3.64 12.44 -7.86
N SER B 127 -2.77 13.35 -7.48
CA SER B 127 -2.44 14.47 -8.37
C SER B 127 -0.95 14.64 -8.63
N HIS B 128 -0.15 13.70 -8.15
CA HIS B 128 1.29 13.78 -8.34
C HIS B 128 1.64 13.55 -9.81
N PRO B 129 2.86 13.95 -10.22
CA PRO B 129 3.19 13.71 -11.62
C PRO B 129 3.12 12.21 -11.95
N GLY B 130 2.50 11.89 -13.08
CA GLY B 130 2.35 10.48 -13.45
C GLY B 130 0.93 10.03 -13.16
N ALA B 131 0.25 10.73 -12.27
CA ALA B 131 -1.13 10.37 -11.94
C ALA B 131 -2.02 10.51 -13.18
N GLU B 132 -1.59 11.31 -14.14
CA GLU B 132 -2.37 11.52 -15.35
C GLU B 132 -2.34 10.29 -16.27
N MET B 133 -1.35 9.43 -16.09
CA MET B 133 -1.26 8.25 -16.94
C MET B 133 -2.44 7.28 -16.82
N PHE B 134 -2.86 6.96 -15.58
CA PHE B 134 -3.96 6.03 -15.41
C PHE B 134 -4.99 6.44 -14.36
N ILE B 135 -4.56 7.14 -13.33
CA ILE B 135 -5.45 7.54 -12.23
C ILE B 135 -6.52 8.57 -12.58
N GLN B 136 -6.09 9.71 -13.12
CA GLN B 136 -7.02 10.78 -13.48
C GLN B 136 -8.18 10.29 -14.30
N GLY B 137 -7.89 9.51 -15.34
CA GLY B 137 -8.92 8.99 -16.20
C GLY B 137 -9.95 8.05 -15.55
N ALA B 138 -9.57 7.39 -14.47
CA ALA B 138 -10.45 6.46 -13.78
C ALA B 138 -11.10 7.03 -12.51
N ALA B 139 -10.67 8.23 -12.13
CA ALA B 139 -11.15 8.90 -10.92
C ALA B 139 -12.66 8.93 -10.71
N ASP B 140 -13.42 9.48 -11.66
CA ASP B 140 -14.87 9.55 -11.48
C ASP B 140 -15.49 8.18 -11.34
N GLU B 141 -15.05 7.24 -12.16
CA GLU B 141 -15.59 5.88 -12.09
C GLU B 141 -15.26 5.20 -10.77
N ILE B 142 -14.08 5.46 -10.23
CA ILE B 142 -13.69 4.84 -8.96
C ILE B 142 -14.56 5.44 -7.85
N ALA B 143 -14.80 6.75 -7.91
CA ALA B 143 -15.62 7.39 -6.88
C ALA B 143 -17.06 6.86 -6.95
N ARG B 144 -17.54 6.64 -8.17
CA ARG B 144 -18.91 6.13 -8.35
C ARG B 144 -19.00 4.70 -7.89
N MET B 145 -17.90 3.94 -8.04
CA MET B 145 -17.84 2.56 -7.58
C MET B 145 -17.97 2.59 -6.05
N GLY B 146 -17.30 3.55 -5.41
CA GLY B 146 -17.38 3.66 -3.97
C GLY B 146 -18.80 3.95 -3.52
N VAL B 147 -19.47 4.85 -4.22
CA VAL B 147 -20.87 5.17 -3.90
C VAL B 147 -21.69 3.89 -4.00
N ASP B 148 -21.51 3.14 -5.09
CA ASP B 148 -22.24 1.88 -5.28
C ASP B 148 -21.96 0.84 -4.19
N LEU B 149 -20.75 0.90 -3.63
CA LEU B 149 -20.34 -0.01 -2.57
C LEU B 149 -20.76 0.46 -1.18
N GLY B 150 -21.32 1.66 -1.11
CA GLY B 150 -21.76 2.18 0.17
C GLY B 150 -20.66 2.82 0.99
N VAL B 151 -19.55 3.12 0.34
CA VAL B 151 -18.44 3.76 1.00
C VAL B 151 -18.91 5.12 1.51
N LYS B 152 -18.57 5.43 2.75
CA LYS B 152 -18.98 6.71 3.31
C LYS B 152 -17.87 7.73 3.51
N ASN B 153 -16.62 7.28 3.48
CA ASN B 153 -15.47 8.16 3.69
C ASN B 153 -14.55 8.16 2.48
N TYR B 154 -14.14 9.35 2.09
CA TYR B 154 -13.29 9.53 0.93
C TYR B 154 -12.11 10.44 1.22
N VAL B 155 -11.02 10.22 0.49
CA VAL B 155 -9.81 11.02 0.61
C VAL B 155 -9.54 11.62 -0.76
N GLY B 156 -9.36 12.93 -0.80
CA GLY B 156 -9.11 13.62 -2.06
C GLY B 156 -7.65 13.72 -2.43
N PRO B 157 -7.36 13.90 -3.73
CA PRO B 157 -5.96 14.00 -4.20
C PRO B 157 -5.10 15.05 -3.49
N SER B 158 -5.28 16.31 -3.86
CA SER B 158 -4.50 17.43 -3.33
C SER B 158 -4.59 18.55 -4.36
N THR B 159 -4.22 19.77 -3.97
CA THR B 159 -4.27 20.92 -4.86
C THR B 159 -5.61 20.96 -5.61
N ARG B 160 -5.59 21.53 -6.81
CA ARG B 160 -6.77 21.66 -7.66
C ARG B 160 -8.14 21.60 -6.99
N PRO B 161 -8.63 22.73 -6.48
CA PRO B 161 -9.93 22.79 -5.82
C PRO B 161 -11.08 22.40 -6.76
N GLU B 162 -10.88 22.57 -8.07
CA GLU B 162 -11.90 22.22 -9.04
C GLU B 162 -12.17 20.71 -9.10
N ARG B 163 -11.16 19.90 -8.77
CA ARG B 163 -11.34 18.45 -8.79
C ARG B 163 -12.11 18.05 -7.55
N LEU B 164 -11.89 18.81 -6.48
CA LEU B 164 -12.55 18.55 -5.22
C LEU B 164 -14.05 18.78 -5.34
N SER B 165 -14.44 19.83 -6.06
CA SER B 165 -15.85 20.13 -6.24
C SER B 165 -16.52 18.97 -6.97
N ARG B 166 -15.82 18.47 -7.99
CA ARG B 166 -16.32 17.36 -8.81
C ARG B 166 -16.54 16.10 -7.95
N LEU B 167 -15.55 15.77 -7.12
CA LEU B 167 -15.65 14.60 -6.25
C LEU B 167 -16.84 14.75 -5.31
N ARG B 168 -16.98 15.92 -4.69
CA ARG B 168 -18.09 16.14 -3.79
C ARG B 168 -19.42 15.94 -4.50
N GLU B 169 -19.54 16.44 -5.73
CA GLU B 169 -20.77 16.27 -6.49
C GLU B 169 -21.10 14.78 -6.66
N ILE B 170 -20.08 13.96 -6.87
CA ILE B 170 -20.28 12.52 -7.05
C ILE B 170 -20.66 11.78 -5.77
N ILE B 171 -19.95 12.05 -4.68
CA ILE B 171 -20.22 11.33 -3.45
C ILE B 171 -21.40 11.83 -2.63
N GLY B 172 -21.90 13.03 -2.93
CA GLY B 172 -23.02 13.55 -2.19
C GLY B 172 -22.62 14.34 -0.95
N GLN B 173 -23.58 15.06 -0.39
CA GLN B 173 -23.34 15.89 0.80
C GLN B 173 -23.20 15.08 2.08
N ASP B 174 -23.73 13.85 2.07
CA ASP B 174 -23.70 12.98 3.22
C ASP B 174 -22.34 12.32 3.45
N SER B 175 -21.62 12.00 2.37
CA SER B 175 -20.32 11.37 2.51
C SER B 175 -19.28 12.24 3.21
N PHE B 176 -18.33 11.60 3.89
CA PHE B 176 -17.27 12.30 4.60
C PHE B 176 -16.06 12.41 3.67
N LEU B 177 -15.57 13.62 3.47
CA LEU B 177 -14.43 13.84 2.60
C LEU B 177 -13.30 14.60 3.27
N ILE B 178 -12.09 14.05 3.17
CA ILE B 178 -10.93 14.70 3.74
C ILE B 178 -9.89 14.86 2.64
N SER B 179 -9.10 15.91 2.74
CA SER B 179 -8.04 16.14 1.77
C SER B 179 -7.03 17.16 2.24
N PRO B 180 -5.82 17.12 1.66
CA PRO B 180 -4.79 18.08 2.04
C PRO B 180 -5.11 19.43 1.40
N GLY B 181 -4.30 20.44 1.67
CA GLY B 181 -4.55 21.74 1.08
C GLY B 181 -4.36 21.74 -0.43
N GLY B 187 -5.85 29.87 -0.97
CA GLY B 187 -6.54 30.48 0.15
C GLY B 187 -7.10 29.45 1.13
N ASP B 188 -6.22 28.61 1.66
CA ASP B 188 -6.62 27.60 2.62
C ASP B 188 -6.58 28.15 4.04
N PRO B 189 -7.31 27.51 4.97
CA PRO B 189 -8.16 26.32 4.79
C PRO B 189 -9.50 26.52 4.07
N GLY B 190 -9.93 27.76 3.94
CA GLY B 190 -11.20 28.06 3.31
C GLY B 190 -11.50 27.44 1.96
N GLU B 191 -10.58 27.53 1.00
CA GLU B 191 -10.83 26.95 -0.31
C GLU B 191 -11.15 25.46 -0.20
N THR B 192 -10.29 24.73 0.49
CA THR B 192 -10.48 23.30 0.64
C THR B 192 -11.76 22.92 1.38
N LEU B 193 -12.08 23.65 2.45
CA LEU B 193 -13.27 23.32 3.21
C LEU B 193 -14.59 23.75 2.59
N ARG B 194 -14.57 24.25 1.36
CA ARG B 194 -15.81 24.59 0.70
C ARG B 194 -16.41 23.25 0.30
N PHE B 195 -15.54 22.24 0.14
CA PHE B 195 -15.98 20.91 -0.29
C PHE B 195 -15.63 19.75 0.65
N ALA B 196 -14.44 19.79 1.23
CA ALA B 196 -14.02 18.75 2.16
C ALA B 196 -14.53 19.05 3.56
N ASP B 197 -14.77 18.01 4.34
CA ASP B 197 -15.24 18.15 5.70
C ASP B 197 -14.07 18.43 6.65
N ALA B 198 -12.88 17.97 6.28
CA ALA B 198 -11.68 18.19 7.10
C ALA B 198 -10.45 18.33 6.22
N ILE B 199 -9.51 19.16 6.67
CA ILE B 199 -8.30 19.36 5.89
C ILE B 199 -7.14 18.67 6.57
N ILE B 200 -6.29 18.06 5.74
CA ILE B 200 -5.12 17.35 6.23
C ILE B 200 -3.93 18.30 6.10
N VAL B 201 -3.19 18.47 7.19
CA VAL B 201 -2.03 19.37 7.22
C VAL B 201 -0.85 18.71 7.89
N GLY B 202 0.30 18.74 7.22
CA GLY B 202 1.50 18.15 7.77
C GLY B 202 2.59 19.15 8.09
N ARG B 203 3.48 19.40 7.14
CA ARG B 203 4.60 20.32 7.31
C ARG B 203 4.30 21.63 8.00
N SER B 204 3.28 22.35 7.55
CA SER B 204 2.93 23.64 8.14
C SER B 204 2.76 23.56 9.64
N ILE B 205 2.55 22.34 10.14
CA ILE B 205 2.42 22.14 11.57
C ILE B 205 3.64 21.48 12.18
N TYR B 206 4.02 20.30 11.70
CA TYR B 206 5.14 19.61 12.32
C TYR B 206 6.54 20.17 12.12
N LEU B 207 6.69 21.12 11.19
CA LEU B 207 8.00 21.73 10.96
C LEU B 207 8.01 23.13 11.59
N ALA B 208 6.89 23.52 12.19
CA ALA B 208 6.77 24.83 12.81
C ALA B 208 7.54 24.88 14.12
N ASP B 209 8.13 26.03 14.39
CA ASP B 209 8.89 26.23 15.60
C ASP B 209 7.97 25.93 16.78
N ASN B 210 6.70 26.31 16.64
CA ASN B 210 5.71 26.06 17.67
C ASN B 210 4.48 25.37 17.05
N PRO B 211 4.56 24.04 16.85
CA PRO B 211 3.47 23.25 16.26
C PRO B 211 2.11 23.60 16.85
N ALA B 212 2.03 23.66 18.18
CA ALA B 212 0.77 23.97 18.85
C ALA B 212 0.24 25.33 18.42
N ALA B 213 1.16 26.25 18.12
CA ALA B 213 0.78 27.58 17.68
C ALA B 213 0.24 27.57 16.25
N ALA B 214 0.91 26.79 15.39
CA ALA B 214 0.48 26.68 14.00
C ALA B 214 -0.92 26.08 13.93
N ALA B 215 -1.14 25.00 14.70
CA ALA B 215 -2.45 24.35 14.71
C ALA B 215 -3.51 25.34 15.19
N ALA B 216 -3.19 26.05 16.28
CA ALA B 216 -4.10 27.03 16.84
C ALA B 216 -4.51 28.03 15.76
N GLY B 217 -3.52 28.59 15.06
CA GLY B 217 -3.80 29.56 14.01
C GLY B 217 -4.75 29.04 12.93
N ILE B 218 -4.48 27.83 12.45
CA ILE B 218 -5.34 27.25 11.42
C ILE B 218 -6.76 27.06 11.94
N ILE B 219 -6.89 26.53 13.16
CA ILE B 219 -8.21 26.30 13.73
C ILE B 219 -9.01 27.59 13.82
N GLU B 220 -8.33 28.70 14.07
CA GLU B 220 -8.99 29.99 14.14
C GLU B 220 -9.58 30.32 12.77
N SER B 221 -8.76 30.13 11.74
CA SER B 221 -9.19 30.37 10.37
C SER B 221 -10.42 29.53 10.07
N ILE B 222 -10.36 28.25 10.44
CA ILE B 222 -11.47 27.35 10.20
C ILE B 222 -12.76 27.79 10.89
N LYS B 223 -12.66 28.19 12.15
CA LYS B 223 -13.84 28.64 12.90
C LYS B 223 -14.46 29.89 12.26
N ASP B 224 -13.61 30.75 11.72
CA ASP B 224 -14.05 31.98 11.06
C ASP B 224 -14.96 31.70 9.86
N LEU B 225 -14.79 30.52 9.27
CA LEU B 225 -15.58 30.16 8.10
C LEU B 225 -17.06 29.91 8.40
N LEU B 226 -17.37 29.61 9.66
CA LEU B 226 -18.75 29.34 10.09
C LEU B 226 -19.43 28.27 9.24
N ILE B 227 -18.74 27.16 9.03
CA ILE B 227 -19.26 26.06 8.24
C ILE B 227 -20.48 25.35 8.85
N PRO B 228 -21.60 25.31 8.12
CA PRO B 228 -22.82 24.65 8.61
C PRO B 228 -22.62 23.15 8.82
N GLU B 229 -23.32 22.60 9.80
CA GLU B 229 -23.25 21.18 10.15
C GLU B 229 -21.85 20.80 10.60
#